data_3O6G
#
_entry.id   3O6G
#
_cell.length_a   64.090
_cell.length_b   87.180
_cell.length_c   47.320
_cell.angle_alpha   90.00
_cell.angle_beta   90.00
_cell.angle_gamma   90.00
#
_symmetry.space_group_name_H-M   'P 21 21 2'
#
loop_
_entity.id
_entity.type
_entity.pdbx_description
1 polymer 'Glutamate receptor 2'
2 non-polymer 'GLUTAMIC ACID'
3 non-polymer 'SULFATE ION'
4 non-polymer N-[(3R)-pyrrolidin-3-yl]-2-({[3-(trifluoromethyl)-4,5,6,7-tetrahydro-1H-indazol-1-yl]acetyl}amino)-4,5,6,7-tetrahydro-1-benzothiophene-3-carboxamide
5 non-polymer 1,2-ETHANEDIOL
6 water water
#
_entity_poly.entity_id   1
_entity_poly.type   'polypeptide(L)'
_entity_poly.pdbx_seq_one_letter_code
;GANKTVVVTTILESPYVMMKKNHEMLEGNERYEGYCVDLAAEIAKHCGFKYKLTIVGDGKYGARDADTKIWNGMVGELVY
GKADIAIAPLTITLVREEVIDFSKPFMSLGISIMIKKGTPIESAEDLSKQTEIAYGTLDSGSTKEFFRRSKIAVFDKMWT
YMRSAEPSVFVRTTAEGVARVRKSKGKYAYLLESTMNEYIEQRKPCDTMKVGGNLDSKGYGIATPKGSSLGTPVNLAVLK
LSEQGVLDKLKNKWWYDKGECGA
;
_entity_poly.pdbx_strand_id   A
#
loop_
_chem_comp.id
_chem_comp.type
_chem_comp.name
_chem_comp.formula
EDO non-polymer 1,2-ETHANEDIOL 'C2 H6 O2'
O27 peptide-like N-[(3R)-pyrrolidin-3-yl]-2-({[3-(trifluoromethyl)-4,5,6,7-tetrahydro-1H-indazol-1-yl]acetyl}amino)-4,5,6,7-tetrahydro-1-benzothiophene-3-carboxamide 'C23 H28 F3 N5 O2 S'
SO4 non-polymer 'SULFATE ION' 'O4 S -2'
#
# COMPACT_ATOMS: atom_id res chain seq x y z
N GLY A 1 -18.09 -20.64 -17.35
CA GLY A 1 -19.04 -20.33 -18.46
C GLY A 1 -18.69 -19.04 -19.16
N ALA A 2 -19.72 -18.32 -19.63
CA ALA A 2 -19.53 -17.07 -20.35
C ALA A 2 -18.91 -15.94 -19.50
N ASN A 3 -18.18 -15.04 -20.17
CA ASN A 3 -17.55 -13.89 -19.49
C ASN A 3 -18.58 -13.04 -18.70
N LYS A 4 -18.16 -12.70 -17.50
CA LYS A 4 -18.96 -11.99 -16.50
CA LYS A 4 -18.97 -11.98 -16.51
C LYS A 4 -18.21 -10.71 -16.11
N THR A 5 -18.94 -9.67 -15.70
CA THR A 5 -18.31 -8.44 -15.23
C THR A 5 -17.47 -8.75 -13.98
N VAL A 6 -16.19 -8.42 -14.05
CA VAL A 6 -15.25 -8.70 -12.97
C VAL A 6 -15.37 -7.68 -11.84
N VAL A 7 -15.55 -8.15 -10.61
CA VAL A 7 -15.58 -7.29 -9.42
C VAL A 7 -14.15 -7.10 -8.91
N VAL A 8 -13.69 -5.86 -8.93
CA VAL A 8 -12.35 -5.50 -8.49
C VAL A 8 -12.42 -4.89 -7.11
N THR A 9 -11.74 -5.49 -6.15
CA THR A 9 -11.57 -4.84 -4.85
C THR A 9 -10.28 -3.99 -4.87
N THR A 10 -10.38 -2.80 -4.30
CA THR A 10 -9.22 -1.93 -4.17
C THR A 10 -9.39 -1.05 -2.92
N ILE A 11 -8.45 -0.13 -2.72
CA ILE A 11 -8.41 0.64 -1.49
C ILE A 11 -8.07 2.09 -1.80
N LEU A 12 -8.69 3.00 -1.05
CA LEU A 12 -8.40 4.42 -1.21
C LEU A 12 -7.04 4.68 -0.57
N GLU A 13 -6.03 4.82 -1.43
CA GLU A 13 -4.66 5.00 -1.04
C GLU A 13 -3.97 5.80 -2.14
N SER A 14 -3.52 7.01 -1.81
CA SER A 14 -2.92 7.89 -2.81
C SER A 14 -1.50 7.42 -3.14
N PRO A 15 -1.09 7.51 -4.43
CA PRO A 15 -1.80 7.93 -5.63
C PRO A 15 -2.41 6.75 -6.41
N TYR A 16 -2.63 5.63 -5.74
CA TYR A 16 -3.07 4.40 -6.40
CA TYR A 16 -3.09 4.39 -6.38
C TYR A 16 -4.56 4.48 -6.75
N VAL A 17 -5.38 4.85 -5.78
CA VAL A 17 -6.80 5.04 -6.02
C VAL A 17 -7.22 6.23 -5.15
N MET A 18 -7.80 7.22 -5.81
CA MET A 18 -8.25 8.46 -5.16
C MET A 18 -9.61 8.87 -5.69
N MET A 19 -10.47 9.38 -4.82
CA MET A 19 -11.74 9.92 -5.27
CA MET A 19 -11.74 9.97 -5.21
C MET A 19 -11.48 11.25 -5.96
N LYS A 20 -11.92 11.34 -7.21
CA LYS A 20 -11.86 12.58 -7.95
C LYS A 20 -12.62 13.65 -7.17
N LYS A 21 -12.09 14.87 -7.17
CA LYS A 21 -12.68 15.99 -6.42
C LYS A 21 -14.20 16.10 -6.62
N ASN A 22 -14.65 15.88 -7.85
CA ASN A 22 -16.07 15.94 -8.21
C ASN A 22 -16.72 14.55 -8.36
N HIS A 23 -16.43 13.64 -7.44
CA HIS A 23 -16.93 12.25 -7.53
C HIS A 23 -18.45 12.11 -7.38
N GLU A 24 -19.09 13.04 -6.67
CA GLU A 24 -20.54 12.98 -6.49
CA GLU A 24 -20.55 12.95 -6.50
C GLU A 24 -21.25 13.39 -7.78
N MET A 25 -20.47 13.95 -8.70
CA MET A 25 -20.92 14.29 -10.04
CA MET A 25 -20.96 14.28 -10.03
C MET A 25 -20.89 13.04 -10.92
N LEU A 26 -20.13 12.02 -10.49
CA LEU A 26 -19.77 10.88 -11.32
C LEU A 26 -20.31 9.52 -10.86
N GLU A 27 -20.29 8.54 -11.77
CA GLU A 27 -20.83 7.22 -11.50
CA GLU A 27 -20.82 7.21 -11.49
C GLU A 27 -19.83 6.12 -11.88
N GLY A 28 -19.91 4.99 -11.17
CA GLY A 28 -19.12 3.81 -11.47
C GLY A 28 -17.62 4.05 -11.40
N ASN A 29 -16.90 3.45 -12.34
CA ASN A 29 -15.45 3.53 -12.35
C ASN A 29 -14.90 4.95 -12.56
N GLU A 30 -15.73 5.85 -13.07
CA GLU A 30 -15.32 7.23 -13.34
CA GLU A 30 -15.33 7.22 -13.34
C GLU A 30 -15.15 8.07 -12.08
N ARG A 31 -15.67 7.59 -10.95
CA ARG A 31 -15.49 8.30 -9.68
C ARG A 31 -14.02 8.35 -9.22
N TYR A 32 -13.19 7.42 -9.71
CA TYR A 32 -11.86 7.19 -9.17
C TYR A 32 -10.76 7.54 -10.16
N GLU A 33 -9.61 7.90 -9.64
CA GLU A 33 -8.42 8.09 -10.45
C GLU A 33 -7.18 7.60 -9.73
N GLY A 34 -6.13 7.35 -10.49
CA GLY A 34 -4.84 6.98 -9.93
C GLY A 34 -4.14 5.85 -10.65
N TYR A 35 -2.98 5.48 -10.13
CA TYR A 35 -2.12 4.44 -10.73
C TYR A 35 -2.87 3.12 -10.93
N CYS A 36 -3.55 2.65 -9.89
CA CYS A 36 -4.24 1.36 -9.94
C CYS A 36 -5.53 1.41 -10.75
N VAL A 37 -6.13 2.61 -10.86
CA VAL A 37 -7.27 2.84 -11.77
C VAL A 37 -6.82 2.67 -13.22
N ASP A 38 -5.67 3.27 -13.55
CA ASP A 38 -5.08 3.13 -14.87
C ASP A 38 -4.63 1.68 -15.12
N LEU A 39 -4.00 1.05 -14.13
CA LEU A 39 -3.55 -0.34 -14.27
C LEU A 39 -4.74 -1.30 -14.50
N ALA A 40 -5.83 -1.06 -13.78
CA ALA A 40 -7.03 -1.89 -13.90
C ALA A 40 -7.54 -1.81 -15.34
N ALA A 41 -7.58 -0.61 -15.91
CA ALA A 41 -7.99 -0.40 -17.30
C ALA A 41 -7.08 -1.14 -18.28
N GLU A 42 -5.78 -1.08 -18.06
CA GLU A 42 -4.80 -1.77 -18.92
C GLU A 42 -4.92 -3.29 -18.82
N ILE A 43 -5.00 -3.81 -17.60
CA ILE A 43 -5.12 -5.25 -17.36
C ILE A 43 -6.41 -5.79 -18.01
N ALA A 44 -7.53 -5.09 -17.79
CA ALA A 44 -8.82 -5.46 -18.37
C ALA A 44 -8.80 -5.47 -19.91
N LYS A 45 -8.12 -4.48 -20.50
CA LYS A 45 -8.01 -4.40 -21.95
C LYS A 45 -7.18 -5.58 -22.50
N HIS A 46 -6.07 -5.87 -21.85
CA HIS A 46 -5.18 -6.96 -22.25
C HIS A 46 -5.70 -8.36 -21.94
N CYS A 47 -6.70 -8.47 -21.06
CA CYS A 47 -7.29 -9.77 -20.72
C CYS A 47 -8.69 -9.95 -21.32
N GLY A 48 -9.23 -8.89 -21.91
CA GLY A 48 -10.55 -8.92 -22.53
C GLY A 48 -11.72 -9.07 -21.57
N PHE A 49 -11.71 -8.35 -20.46
CA PHE A 49 -12.85 -8.37 -19.54
C PHE A 49 -13.37 -6.99 -19.17
N LYS A 50 -14.65 -6.94 -18.80
CA LYS A 50 -15.28 -5.74 -18.23
C LYS A 50 -15.25 -5.84 -16.72
N TYR A 51 -15.25 -4.70 -16.03
CA TYR A 51 -15.03 -4.71 -14.60
C TYR A 51 -15.68 -3.55 -13.85
N LYS A 52 -15.85 -3.75 -12.55
CA LYS A 52 -16.41 -2.75 -11.64
C LYS A 52 -15.45 -2.53 -10.48
N LEU A 53 -14.96 -1.31 -10.33
CA LEU A 53 -14.12 -0.95 -9.19
C LEU A 53 -14.98 -0.79 -7.94
N THR A 54 -14.55 -1.41 -6.85
CA THR A 54 -15.22 -1.30 -5.56
C THR A 54 -14.20 -1.07 -4.46
N ILE A 55 -14.48 -0.15 -3.55
CA ILE A 55 -13.57 0.11 -2.45
C ILE A 55 -13.87 -0.88 -1.32
N VAL A 56 -12.85 -1.60 -0.88
CA VAL A 56 -12.98 -2.56 0.20
C VAL A 56 -13.78 -1.97 1.38
N GLY A 57 -14.80 -2.70 1.84
CA GLY A 57 -15.71 -2.21 2.86
C GLY A 57 -15.07 -1.74 4.17
N ASP A 58 -14.11 -2.51 4.66
CA ASP A 58 -13.49 -2.21 5.96
C ASP A 58 -12.24 -1.31 5.88
N GLY A 59 -11.85 -0.91 4.67
CA GLY A 59 -10.69 -0.05 4.45
C GLY A 59 -9.33 -0.63 4.82
N LYS A 60 -9.22 -1.97 4.81
CA LYS A 60 -7.99 -2.65 5.22
C LYS A 60 -7.35 -3.46 4.08
N TYR A 61 -6.04 -3.69 4.20
CA TYR A 61 -5.31 -4.47 3.20
C TYR A 61 -5.60 -5.96 3.34
N GLY A 62 -5.37 -6.50 4.53
CA GLY A 62 -5.73 -7.88 4.79
C GLY A 62 -4.84 -8.54 5.81
N ALA A 63 -5.46 -8.97 6.91
CA ALA A 63 -4.78 -9.69 7.96
C ALA A 63 -5.73 -10.75 8.47
N ARG A 64 -5.17 -11.83 9.00
CA ARG A 64 -5.97 -12.90 9.59
C ARG A 64 -6.00 -12.76 11.11
N ASP A 65 -7.20 -12.78 11.68
CA ASP A 65 -7.35 -12.71 13.14
C ASP A 65 -6.78 -13.97 13.78
N ALA A 66 -5.97 -13.81 14.81
CA ALA A 66 -5.30 -14.95 15.45
C ALA A 66 -6.28 -15.92 16.10
N ASP A 67 -7.39 -15.42 16.63
CA ASP A 67 -8.38 -16.26 17.31
C ASP A 67 -9.37 -16.88 16.32
N THR A 68 -10.10 -16.04 15.59
CA THR A 68 -11.15 -16.50 14.67
C THR A 68 -10.62 -17.11 13.35
N LYS A 69 -9.38 -16.76 13.00
CA LYS A 69 -8.76 -17.14 11.71
C LYS A 69 -9.47 -16.52 10.50
N ILE A 70 -10.26 -15.48 10.72
CA ILE A 70 -10.97 -14.79 9.65
C ILE A 70 -10.08 -13.71 9.02
N TRP A 71 -10.05 -13.68 7.69
CA TRP A 71 -9.32 -12.66 6.94
C TRP A 71 -10.17 -11.42 6.78
N ASN A 72 -9.57 -10.27 7.01
CA ASN A 72 -10.25 -9.00 6.74
C ASN A 72 -9.66 -8.35 5.49
N GLY A 73 -10.16 -7.16 5.16
CA GLY A 73 -9.60 -6.37 4.10
C GLY A 73 -9.82 -6.96 2.71
N MET A 74 -8.99 -6.49 1.77
CA MET A 74 -9.06 -6.96 0.39
C MET A 74 -8.79 -8.45 0.28
N VAL A 75 -7.88 -8.97 1.09
CA VAL A 75 -7.58 -10.41 1.07
C VAL A 75 -8.85 -11.21 1.46
N GLY A 76 -9.52 -10.76 2.52
CA GLY A 76 -10.80 -11.33 2.91
C GLY A 76 -11.84 -11.31 1.79
N GLU A 77 -11.94 -10.19 1.08
CA GLU A 77 -12.91 -10.09 0.00
C GLU A 77 -12.66 -11.12 -1.11
N LEU A 78 -11.39 -11.43 -1.37
CA LEU A 78 -11.06 -12.51 -2.31
C LEU A 78 -11.35 -13.88 -1.72
N VAL A 79 -10.89 -14.10 -0.50
CA VAL A 79 -10.97 -15.40 0.14
C VAL A 79 -12.44 -15.85 0.29
N TYR A 80 -13.33 -14.92 0.65
CA TYR A 80 -14.73 -15.26 0.95
C TYR A 80 -15.66 -15.05 -0.25
N GLY A 81 -15.08 -14.71 -1.41
CA GLY A 81 -15.82 -14.68 -2.66
C GLY A 81 -16.57 -13.40 -2.97
N LYS A 82 -16.21 -12.31 -2.30
CA LYS A 82 -16.89 -11.03 -2.49
C LYS A 82 -16.36 -10.28 -3.70
N ALA A 83 -15.13 -10.59 -4.11
CA ALA A 83 -14.48 -9.92 -5.23
C ALA A 83 -13.70 -10.94 -6.03
N ASP A 84 -13.47 -10.64 -7.31
CA ASP A 84 -12.83 -11.55 -8.25
C ASP A 84 -11.33 -11.28 -8.42
N ILE A 85 -10.92 -10.05 -8.11
CA ILE A 85 -9.53 -9.63 -8.28
C ILE A 85 -9.27 -8.41 -7.40
N ALA A 86 -8.05 -8.32 -6.86
CA ALA A 86 -7.60 -7.14 -6.10
C ALA A 86 -6.51 -6.46 -6.91
N ILE A 87 -6.73 -5.20 -7.23
CA ILE A 87 -5.79 -4.39 -8.01
C ILE A 87 -5.54 -3.14 -7.15
N ALA A 88 -4.42 -3.20 -6.44
CA ALA A 88 -4.13 -2.28 -5.35
C ALA A 88 -2.66 -2.46 -4.94
N PRO A 89 -2.11 -1.55 -4.11
CA PRO A 89 -0.77 -1.76 -3.56
C PRO A 89 -0.77 -2.84 -2.45
N LEU A 90 -1.03 -4.07 -2.88
CA LEU A 90 -1.16 -5.22 -2.01
C LEU A 90 0.16 -6.00 -2.03
N THR A 91 0.83 -6.02 -0.88
CA THR A 91 2.16 -6.63 -0.76
C THR A 91 2.11 -8.16 -0.81
N ILE A 92 3.00 -8.72 -1.62
CA ILE A 92 3.20 -10.16 -1.71
C ILE A 92 3.88 -10.66 -0.43
N THR A 93 3.17 -11.52 0.32
CA THR A 93 3.71 -12.12 1.55
C THR A 93 3.42 -13.62 1.56
N LEU A 94 4.21 -14.35 2.35
CA LEU A 94 4.06 -15.80 2.47
C LEU A 94 2.65 -16.18 2.93
N VAL A 95 2.18 -15.53 3.99
CA VAL A 95 0.89 -15.91 4.60
C VAL A 95 -0.26 -15.67 3.61
N ARG A 96 -0.15 -14.61 2.81
CA ARG A 96 -1.17 -14.33 1.80
C ARG A 96 -1.06 -15.27 0.60
N GLU A 97 0.17 -15.53 0.16
CA GLU A 97 0.41 -16.41 -1.00
C GLU A 97 -0.23 -17.78 -0.82
N GLU A 98 -0.37 -18.22 0.42
CA GLU A 98 -0.93 -19.53 0.70
CA GLU A 98 -0.93 -19.54 0.70
C GLU A 98 -2.45 -19.56 0.52
N VAL A 99 -3.11 -18.39 0.60
CA VAL A 99 -4.58 -18.32 0.49
C VAL A 99 -5.13 -17.63 -0.76
N ILE A 100 -4.29 -16.86 -1.45
CA ILE A 100 -4.67 -16.22 -2.72
C ILE A 100 -3.52 -16.36 -3.74
N ASP A 101 -3.85 -16.25 -5.03
CA ASP A 101 -2.85 -16.20 -6.09
C ASP A 101 -2.36 -14.75 -6.30
N PHE A 102 -1.06 -14.58 -6.53
CA PHE A 102 -0.49 -13.29 -6.88
C PHE A 102 0.17 -13.35 -8.25
N SER A 103 -0.05 -12.31 -9.04
CA SER A 103 0.79 -12.06 -10.23
C SER A 103 2.26 -11.82 -9.84
N LYS A 104 3.15 -11.90 -10.82
CA LYS A 104 4.47 -11.35 -10.64
C LYS A 104 4.28 -9.87 -10.27
N PRO A 105 5.27 -9.27 -9.57
CA PRO A 105 5.12 -7.90 -9.07
C PRO A 105 4.94 -6.88 -10.18
N PHE A 106 4.09 -5.89 -9.95
CA PHE A 106 3.94 -4.77 -10.89
C PHE A 106 4.65 -3.51 -10.38
N MET A 107 5.08 -3.53 -9.12
CA MET A 107 5.82 -2.43 -8.51
C MET A 107 6.63 -2.95 -7.34
N SER A 108 7.85 -2.42 -7.21
CA SER A 108 8.71 -2.78 -6.09
CA SER A 108 8.73 -2.77 -6.10
C SER A 108 8.60 -1.73 -4.99
N LEU A 109 8.90 -2.17 -3.78
CA LEU A 109 8.89 -1.29 -2.60
C LEU A 109 9.68 -1.96 -1.48
N GLY A 110 10.02 -1.16 -0.47
CA GLY A 110 10.53 -1.66 0.77
C GLY A 110 10.02 -0.79 1.90
N ILE A 111 9.99 -1.35 3.11
CA ILE A 111 9.64 -0.57 4.29
C ILE A 111 10.67 0.53 4.46
N SER A 112 10.21 1.71 4.90
CA SER A 112 11.04 2.91 4.91
C SER A 112 10.58 3.84 6.02
N ILE A 113 11.40 4.84 6.32
CA ILE A 113 11.13 5.76 7.42
C ILE A 113 10.73 7.13 6.89
N MET A 114 9.56 7.60 7.32
CA MET A 114 9.14 8.97 7.05
C MET A 114 9.36 9.81 8.29
N ILE A 115 10.02 10.96 8.10
CA ILE A 115 10.18 11.95 9.16
C ILE A 115 9.64 13.32 8.77
N LYS A 116 9.32 14.13 9.77
CA LYS A 116 9.15 15.54 9.54
C LYS A 116 10.55 16.11 9.28
N LYS A 117 10.68 16.97 8.29
CA LYS A 117 11.97 17.55 7.93
C LYS A 117 12.69 18.14 9.17
N GLY A 118 13.96 17.79 9.33
CA GLY A 118 14.75 18.27 10.47
C GLY A 118 14.79 17.34 11.68
N THR A 119 13.98 16.29 11.67
CA THR A 119 14.04 15.25 12.72
C THR A 119 15.42 14.57 12.72
N PRO A 120 16.10 14.50 13.89
CA PRO A 120 17.44 13.92 13.98
C PRO A 120 17.44 12.37 13.99
N ILE A 121 17.00 11.79 12.89
CA ILE A 121 16.94 10.35 12.67
C ILE A 121 17.40 10.09 11.23
N GLU A 122 18.33 9.15 11.06
CA GLU A 122 18.84 8.76 9.72
C GLU A 122 18.58 7.30 9.35
N SER A 123 18.09 6.50 10.31
CA SER A 123 18.02 5.05 10.13
C SER A 123 17.14 4.38 11.17
N ALA A 124 16.81 3.12 10.91
CA ALA A 124 16.05 2.30 11.88
C ALA A 124 16.85 2.14 13.17
N GLU A 125 18.15 1.90 13.03
CA GLU A 125 19.04 1.78 14.18
CA GLU A 125 19.05 1.78 14.16
C GLU A 125 18.92 3.02 15.07
N ASP A 126 18.95 4.20 14.46
CA ASP A 126 18.76 5.47 15.19
C ASP A 126 17.45 5.47 15.99
N LEU A 127 16.34 5.14 15.33
CA LEU A 127 15.03 5.05 16.01
C LEU A 127 15.05 4.12 17.21
N SER A 128 15.66 2.95 17.01
CA SER A 128 15.69 1.89 18.04
C SER A 128 16.50 2.24 19.28
N LYS A 129 17.42 3.19 19.15
CA LYS A 129 18.34 3.56 20.23
C LYS A 129 17.91 4.81 21.01
N GLN A 130 16.69 5.27 20.77
CA GLN A 130 16.16 6.45 21.46
C GLN A 130 14.67 6.31 21.76
N THR A 131 14.14 7.21 22.58
CA THR A 131 12.75 7.15 23.01
C THR A 131 11.96 8.47 22.91
N GLU A 132 12.65 9.58 22.65
CA GLU A 132 11.98 10.88 22.58
CA GLU A 132 12.01 10.89 22.56
C GLU A 132 11.07 10.97 21.35
N ILE A 133 11.50 10.34 20.25
CA ILE A 133 10.72 10.30 19.03
C ILE A 133 9.99 8.96 18.97
N ALA A 134 8.66 9.02 19.03
CA ALA A 134 7.83 7.85 18.90
C ALA A 134 7.80 7.41 17.45
N TYR A 135 7.43 6.16 17.21
CA TYR A 135 7.31 5.67 15.84
C TYR A 135 6.44 4.44 15.76
N GLY A 136 5.73 4.30 14.62
CA GLY A 136 4.80 3.20 14.44
C GLY A 136 4.47 2.91 12.99
N THR A 137 3.45 2.09 12.81
CA THR A 137 3.08 1.55 11.52
C THR A 137 1.55 1.57 11.33
N LEU A 138 1.13 1.27 10.11
CA LEU A 138 -0.26 1.00 9.80
C LEU A 138 -0.70 -0.30 10.47
N ASP A 139 -1.96 -0.40 10.90
CA ASP A 139 -2.40 -1.74 11.30
CA ASP A 139 -2.59 -1.67 11.34
C ASP A 139 -3.07 -2.53 10.17
N SER A 140 -3.14 -3.84 10.36
CA SER A 140 -3.75 -4.79 9.41
C SER A 140 -2.99 -4.90 8.08
N GLY A 141 -1.67 -4.70 8.13
CA GLY A 141 -0.84 -4.74 6.92
C GLY A 141 0.48 -5.47 7.05
N SER A 142 1.21 -5.51 5.94
CA SER A 142 2.46 -6.26 5.87
C SER A 142 3.60 -5.63 6.68
N THR A 143 3.58 -4.30 6.88
CA THR A 143 4.63 -3.61 7.64
C THR A 143 4.56 -3.99 9.12
N LYS A 144 3.36 -3.95 9.68
CA LYS A 144 3.17 -4.37 11.08
C LYS A 144 3.62 -5.81 11.29
N GLU A 145 3.19 -6.69 10.39
CA GLU A 145 3.59 -8.10 10.43
C GLU A 145 5.11 -8.28 10.33
N PHE A 146 5.75 -7.47 9.50
CA PHE A 146 7.20 -7.50 9.34
C PHE A 146 7.91 -7.34 10.68
N PHE A 147 7.53 -6.29 11.42
CA PHE A 147 8.10 -6.06 12.73
C PHE A 147 7.71 -7.12 13.75
N ARG A 148 6.45 -7.53 13.72
CA ARG A 148 5.94 -8.52 14.69
C ARG A 148 6.71 -9.84 14.59
N ARG A 149 7.02 -10.25 13.36
N ARG A 149 7.00 -10.26 13.36
CA ARG A 149 7.63 -11.55 13.12
CA ARG A 149 7.63 -11.56 13.12
C ARG A 149 9.16 -11.52 13.02
C ARG A 149 9.15 -11.52 13.04
N SER A 150 9.74 -10.33 12.93
CA SER A 150 11.20 -10.20 12.75
C SER A 150 12.03 -10.77 13.91
N LYS A 151 13.01 -11.59 13.56
CA LYS A 151 14.00 -12.08 14.53
C LYS A 151 15.31 -11.27 14.42
N ILE A 152 15.33 -10.24 13.56
CA ILE A 152 16.49 -9.35 13.43
C ILE A 152 16.55 -8.36 14.59
N ALA A 153 17.74 -8.24 15.21
CA ALA A 153 17.89 -7.55 16.48
C ALA A 153 17.22 -6.17 16.53
N VAL A 154 17.62 -5.29 15.60
CA VAL A 154 17.10 -3.92 15.55
CA VAL A 154 17.11 -3.93 15.56
C VAL A 154 15.58 -3.89 15.41
N PHE A 155 15.04 -4.73 14.53
CA PHE A 155 13.61 -4.70 14.25
C PHE A 155 12.78 -5.32 15.39
N ASP A 156 13.33 -6.37 16.00
CA ASP A 156 12.76 -6.93 17.24
C ASP A 156 12.74 -5.86 18.35
N LYS A 157 13.82 -5.12 18.49
CA LYS A 157 13.90 -4.05 19.48
C LYS A 157 12.82 -3.00 19.21
N MET A 158 12.69 -2.59 17.94
CA MET A 158 11.64 -1.67 17.51
C MET A 158 10.24 -2.19 17.79
N TRP A 159 9.99 -3.46 17.46
CA TRP A 159 8.67 -4.08 17.69
C TRP A 159 8.33 -4.16 19.18
N THR A 160 9.31 -4.56 19.98
CA THR A 160 9.16 -4.64 21.43
C THR A 160 8.70 -3.28 22.00
N TYR A 161 9.29 -2.20 21.49
CA TYR A 161 8.87 -0.85 21.87
C TYR A 161 7.45 -0.53 21.35
N MET A 162 7.24 -0.72 20.04
CA MET A 162 5.99 -0.32 19.40
C MET A 162 4.74 -0.99 19.98
N ARG A 163 4.83 -2.28 20.24
CA ARG A 163 3.68 -3.06 20.72
C ARG A 163 3.14 -2.60 22.08
N SER A 164 4.01 -2.02 22.91
CA SER A 164 3.66 -1.59 24.28
C SER A 164 3.63 -0.08 24.48
N ALA A 165 3.94 0.68 23.44
CA ALA A 165 4.05 2.14 23.55
C ALA A 165 2.71 2.77 23.89
N GLU A 166 2.76 3.83 24.70
CA GLU A 166 1.55 4.58 25.07
CA GLU A 166 1.57 4.58 25.10
C GLU A 166 1.78 6.09 24.89
N PRO A 167 0.85 6.76 24.19
CA PRO A 167 -0.34 6.21 23.54
C PRO A 167 0.07 5.38 22.32
N SER A 168 -0.91 4.72 21.70
CA SER A 168 -0.65 3.80 20.61
C SER A 168 0.14 4.50 19.51
N VAL A 169 1.12 3.80 18.96
CA VAL A 169 1.89 4.31 17.81
C VAL A 169 1.31 3.84 16.46
N PHE A 170 0.27 3.01 16.50
CA PHE A 170 -0.34 2.46 15.29
C PHE A 170 -1.48 3.35 14.78
N VAL A 171 -1.67 3.32 13.46
CA VAL A 171 -2.66 4.14 12.80
C VAL A 171 -3.53 3.29 11.86
N ARG A 172 -4.74 3.80 11.58
CA ARG A 172 -5.73 3.08 10.77
CA ARG A 172 -5.72 3.08 10.77
C ARG A 172 -5.51 3.25 9.26
N THR A 173 -5.00 4.42 8.88
CA THR A 173 -4.78 4.73 7.48
C THR A 173 -3.44 5.43 7.32
N THR A 174 -2.89 5.36 6.11
CA THR A 174 -1.65 6.06 5.80
C THR A 174 -1.79 7.57 6.02
N ALA A 175 -2.93 8.14 5.64
CA ALA A 175 -3.17 9.58 5.85
C ALA A 175 -3.08 9.98 7.31
N GLU A 176 -3.52 9.08 8.20
CA GLU A 176 -3.42 9.26 9.64
C GLU A 176 -1.95 9.29 10.11
N GLY A 177 -1.15 8.34 9.63
CA GLY A 177 0.29 8.31 9.92
C GLY A 177 0.98 9.58 9.48
N VAL A 178 0.67 10.02 8.25
CA VAL A 178 1.24 11.25 7.68
C VAL A 178 0.81 12.47 8.50
N ALA A 179 -0.47 12.55 8.83
CA ALA A 179 -1.01 13.63 9.65
C ALA A 179 -0.25 13.74 10.98
N ARG A 180 0.03 12.60 11.59
CA ARG A 180 0.73 12.54 12.86
C ARG A 180 2.20 12.97 12.75
N VAL A 181 2.90 12.53 11.72
CA VAL A 181 4.25 13.04 11.43
C VAL A 181 4.17 14.59 11.31
N ARG A 182 3.24 15.07 10.52
CA ARG A 182 3.18 16.50 10.22
C ARG A 182 2.83 17.36 11.43
N LYS A 183 1.97 16.84 12.30
CA LYS A 183 1.42 17.60 13.43
C LYS A 183 2.17 17.37 14.74
N SER A 184 3.10 16.42 14.78
CA SER A 184 3.80 16.07 16.02
C SER A 184 5.15 16.77 16.23
N LYS A 185 5.50 17.71 15.36
CA LYS A 185 6.68 18.57 15.54
C LYS A 185 8.01 17.81 15.61
N GLY A 186 8.10 16.72 14.87
CA GLY A 186 9.30 15.89 14.84
C GLY A 186 9.35 14.78 15.87
N LYS A 187 8.31 14.65 16.69
CA LYS A 187 8.27 13.67 17.78
C LYS A 187 7.57 12.36 17.39
N TYR A 188 7.18 12.24 16.13
CA TYR A 188 6.68 10.98 15.59
C TYR A 188 7.28 10.73 14.20
N ALA A 189 7.80 9.53 14.01
CA ALA A 189 8.27 9.06 12.70
C ALA A 189 7.37 7.89 12.28
N TYR A 190 7.08 7.78 10.99
CA TYR A 190 6.14 6.78 10.50
C TYR A 190 6.87 5.79 9.59
N LEU A 191 6.63 4.50 9.84
CA LEU A 191 7.22 3.40 9.08
C LEU A 191 6.20 2.96 8.03
N LEU A 192 6.52 3.17 6.76
CA LEU A 192 5.60 2.90 5.67
C LEU A 192 6.35 2.53 4.41
N GLU A 193 5.63 2.05 3.42
CA GLU A 193 6.29 1.56 2.21
C GLU A 193 6.87 2.72 1.40
N SER A 194 8.05 2.48 0.82
CA SER A 194 8.85 3.48 0.12
C SER A 194 8.07 4.21 -0.97
N THR A 195 7.23 3.47 -1.69
CA THR A 195 6.33 4.00 -2.70
C THR A 195 5.44 5.12 -2.15
N MET A 196 4.76 4.84 -1.04
CA MET A 196 3.87 5.84 -0.44
CA MET A 196 3.88 5.83 -0.39
C MET A 196 4.69 7.00 0.13
N ASN A 197 5.82 6.68 0.76
CA ASN A 197 6.73 7.68 1.32
C ASN A 197 7.19 8.65 0.24
N GLU A 198 7.67 8.10 -0.88
CA GLU A 198 8.17 8.91 -2.00
C GLU A 198 7.10 9.77 -2.67
N TYR A 199 5.85 9.29 -2.67
CA TYR A 199 4.74 10.08 -3.20
C TYR A 199 4.51 11.31 -2.31
N ILE A 200 4.32 11.06 -1.02
CA ILE A 200 4.03 12.11 -0.04
C ILE A 200 5.14 13.17 0.03
N GLU A 201 6.38 12.72 -0.15
CA GLU A 201 7.55 13.61 -0.19
CA GLU A 201 7.52 13.64 -0.15
C GLU A 201 7.42 14.69 -1.26
N GLN A 202 6.72 14.38 -2.35
CA GLN A 202 6.52 15.37 -3.42
C GLN A 202 5.14 16.03 -3.41
N ARG A 203 4.48 16.03 -2.25
CA ARG A 203 3.19 16.69 -2.09
C ARG A 203 3.31 17.81 -1.08
N LYS A 204 2.63 18.92 -1.36
CA LYS A 204 2.52 20.02 -0.39
C LYS A 204 1.93 19.51 0.94
N PRO A 205 2.35 20.10 2.07
CA PRO A 205 3.25 21.25 2.22
C PRO A 205 4.76 20.93 2.20
N CYS A 206 5.17 19.83 1.57
CA CYS A 206 6.59 19.54 1.34
C CYS A 206 7.39 19.53 2.65
N ASP A 207 6.81 18.93 3.69
CA ASP A 207 7.40 18.98 5.03
C ASP A 207 7.80 17.60 5.57
N THR A 208 7.75 16.58 4.71
CA THR A 208 8.20 15.25 5.10
C THR A 208 9.34 14.78 4.23
N MET A 209 10.04 13.76 4.71
CA MET A 209 11.21 13.24 4.07
CA MET A 209 11.21 13.24 4.04
C MET A 209 11.38 11.75 4.33
N LYS A 210 11.77 11.02 3.28
CA LYS A 210 12.21 9.64 3.42
CA LYS A 210 12.22 9.64 3.43
C LYS A 210 13.70 9.65 3.85
N VAL A 211 14.03 8.93 4.92
CA VAL A 211 15.43 8.83 5.35
C VAL A 211 15.91 7.39 5.48
N GLY A 212 17.20 7.19 5.19
CA GLY A 212 17.85 5.90 5.30
C GLY A 212 17.49 4.99 4.16
N GLY A 213 18.10 3.81 4.13
CA GLY A 213 17.79 2.81 3.13
C GLY A 213 16.52 2.06 3.51
N ASN A 214 15.98 1.28 2.59
CA ASN A 214 14.80 0.49 2.90
C ASN A 214 15.17 -0.66 3.84
N LEU A 215 14.22 -1.04 4.69
CA LEU A 215 14.42 -2.11 5.69
C LEU A 215 14.28 -3.50 5.07
N ASP A 216 13.55 -3.57 3.96
CA ASP A 216 13.37 -4.81 3.22
C ASP A 216 13.16 -4.51 1.73
N SER A 217 12.97 -5.56 0.94
CA SER A 217 12.80 -5.44 -0.50
CA SER A 217 12.77 -5.42 -0.49
C SER A 217 11.75 -6.44 -0.98
N LYS A 218 10.69 -5.94 -1.60
CA LYS A 218 9.58 -6.79 -2.02
C LYS A 218 8.78 -6.09 -3.13
N GLY A 219 7.53 -6.50 -3.32
CA GLY A 219 6.69 -5.92 -4.36
C GLY A 219 5.22 -6.14 -4.14
N TYR A 220 4.43 -5.37 -4.90
CA TYR A 220 2.98 -5.55 -4.94
C TYR A 220 2.63 -6.45 -6.10
N GLY A 221 1.63 -7.30 -5.89
CA GLY A 221 1.09 -8.13 -6.96
C GLY A 221 -0.42 -8.00 -7.09
N ILE A 222 -0.93 -8.31 -8.28
CA ILE A 222 -2.37 -8.38 -8.50
C ILE A 222 -2.82 -9.73 -7.98
N ALA A 223 -3.88 -9.73 -7.18
CA ALA A 223 -4.31 -10.92 -6.47
C ALA A 223 -5.67 -11.43 -6.95
N THR A 224 -5.79 -12.75 -7.02
CA THR A 224 -7.01 -13.43 -7.42
C THR A 224 -7.28 -14.57 -6.43
N PRO A 225 -8.56 -15.01 -6.34
CA PRO A 225 -8.82 -16.15 -5.47
C PRO A 225 -8.03 -17.37 -5.96
N LYS A 226 -7.60 -18.20 -5.03
CA LYS A 226 -6.71 -19.32 -5.35
C LYS A 226 -7.35 -20.23 -6.40
N GLY A 227 -6.63 -20.43 -7.51
CA GLY A 227 -7.12 -21.27 -8.61
C GLY A 227 -8.02 -20.60 -9.63
N SER A 228 -8.28 -19.30 -9.47
CA SER A 228 -9.11 -18.56 -10.42
C SER A 228 -8.53 -18.56 -11.82
N SER A 229 -9.42 -18.67 -12.82
CA SER A 229 -9.00 -18.67 -14.23
C SER A 229 -8.41 -17.33 -14.68
N LEU A 230 -8.69 -16.25 -13.92
CA LEU A 230 -8.12 -14.94 -14.22
C LEU A 230 -6.63 -14.83 -13.96
N GLY A 231 -6.09 -15.69 -13.10
CA GLY A 231 -4.70 -15.57 -12.65
C GLY A 231 -3.70 -15.60 -13.80
N THR A 232 -3.82 -16.58 -14.67
CA THR A 232 -2.86 -16.73 -15.76
C THR A 232 -2.79 -15.53 -16.70
N PRO A 233 -3.94 -15.16 -17.33
CA PRO A 233 -3.93 -14.00 -18.22
C PRO A 233 -3.52 -12.69 -17.55
N VAL A 234 -3.89 -12.53 -16.28
CA VAL A 234 -3.52 -11.31 -15.54
C VAL A 234 -2.00 -11.25 -15.35
N ASN A 235 -1.38 -12.39 -15.05
CA ASN A 235 0.06 -12.46 -14.86
CA ASN A 235 0.06 -12.44 -14.86
C ASN A 235 0.79 -12.12 -16.16
N LEU A 236 0.35 -12.68 -17.28
CA LEU A 236 0.93 -12.35 -18.59
C LEU A 236 0.77 -10.86 -18.92
N ALA A 237 -0.39 -10.29 -18.59
CA ALA A 237 -0.64 -8.87 -18.82
C ALA A 237 0.36 -8.01 -18.04
N VAL A 238 0.59 -8.35 -16.77
CA VAL A 238 1.56 -7.60 -15.94
C VAL A 238 2.96 -7.64 -16.57
N LEU A 239 3.40 -8.81 -17.00
CA LEU A 239 4.70 -8.96 -17.67
C LEU A 239 4.79 -8.19 -18.98
N LYS A 240 3.74 -8.25 -19.79
CA LYS A 240 3.66 -7.51 -21.06
C LYS A 240 3.71 -6.00 -20.81
N LEU A 241 2.92 -5.55 -19.85
CA LEU A 241 2.89 -4.13 -19.49
C LEU A 241 4.26 -3.64 -18.98
N SER A 242 4.91 -4.47 -18.18
CA SER A 242 6.26 -4.19 -17.70
C SER A 242 7.23 -4.02 -18.88
N GLU A 243 7.24 -5.02 -19.75
CA GLU A 243 8.18 -5.05 -20.87
C GLU A 243 7.91 -3.96 -21.91
N GLN A 244 6.66 -3.55 -22.06
CA GLN A 244 6.26 -2.42 -22.91
C GLN A 244 6.60 -1.04 -22.33
N GLY A 245 7.02 -0.99 -21.06
CA GLY A 245 7.35 0.28 -20.40
C GLY A 245 6.13 1.00 -19.85
N VAL A 246 4.96 0.37 -19.92
CA VAL A 246 3.72 0.99 -19.47
C VAL A 246 3.72 1.21 -17.96
N LEU A 247 4.22 0.24 -17.21
CA LEU A 247 4.29 0.38 -15.74
C LEU A 247 5.19 1.55 -15.31
N ASP A 248 6.33 1.70 -15.98
CA ASP A 248 7.23 2.81 -15.71
C ASP A 248 6.56 4.17 -16.01
N LYS A 249 5.85 4.21 -17.15
CA LYS A 249 5.11 5.41 -17.59
C LYS A 249 4.06 5.83 -16.57
N LEU A 250 3.28 4.87 -16.08
CA LEU A 250 2.27 5.12 -15.04
C LEU A 250 2.87 5.57 -13.69
N LYS A 251 4.03 5.00 -13.32
CA LYS A 251 4.72 5.47 -12.12
C LYS A 251 5.09 6.96 -12.26
N ASN A 252 5.71 7.31 -13.39
CA ASN A 252 6.04 8.71 -13.72
C ASN A 252 4.80 9.61 -13.67
N LYS A 253 3.73 9.14 -14.27
CA LYS A 253 2.47 9.88 -14.29
C LYS A 253 2.02 10.28 -12.88
N TRP A 254 2.02 9.32 -11.95
CA TRP A 254 1.37 9.52 -10.66
C TRP A 254 2.29 9.93 -9.51
N TRP A 255 3.60 9.83 -9.71
CA TRP A 255 4.56 10.22 -8.71
C TRP A 255 5.25 11.51 -9.07
N TYR A 256 5.97 11.51 -10.20
CA TYR A 256 6.87 12.61 -10.44
CA TYR A 256 6.93 12.57 -10.58
C TYR A 256 6.25 13.70 -11.32
N ASP A 257 5.37 13.34 -12.25
CA ASP A 257 4.57 14.34 -12.96
C ASP A 257 3.65 15.07 -11.95
N LYS A 258 3.23 14.37 -10.89
CA LYS A 258 2.42 14.98 -9.81
C LYS A 258 3.22 15.79 -8.78
N GLY A 259 4.53 15.94 -8.99
CA GLY A 259 5.41 16.54 -7.99
C GLY A 259 5.14 18.02 -7.77
N GLU A 260 4.84 18.36 -6.51
CA GLU A 260 4.48 19.74 -6.09
C GLU A 260 5.56 20.43 -5.28
N CYS A 261 6.70 19.77 -5.09
CA CYS A 261 7.77 20.28 -4.25
C CYS A 261 9.03 20.64 -5.03
N GLY A 262 8.88 20.96 -6.31
CA GLY A 262 9.99 21.37 -7.14
C GLY A 262 10.67 20.19 -7.82
N ALA A 263 11.97 20.34 -8.07
CA ALA A 263 12.73 19.39 -8.90
C ALA A 263 13.09 18.11 -8.16
N GLU B . 0.99 -2.70 1.18
CA GLU B . 0.70 -3.10 2.58
C GLU B . -0.11 -4.37 2.62
O GLU B . -0.48 -4.82 3.71
CB GLU B . -0.03 -1.98 3.32
CG GLU B . 0.85 -0.83 3.78
CD GLU B . 1.74 -1.16 4.98
OE1 GLU B . 2.64 -0.34 5.26
OE2 GLU B . 1.56 -2.22 5.62
OXT GLU B . -0.42 -4.95 1.57
S SO4 C . -2.57 -6.94 -27.89
O1 SO4 C . -1.46 -6.35 -27.13
O2 SO4 C . -2.69 -6.27 -29.18
O3 SO4 C . -2.28 -8.36 -28.10
O4 SO4 C . -3.81 -6.77 -27.15
S SO4 D . -2.89 -6.40 12.93
O1 SO4 D . -3.23 -5.03 12.60
O2 SO4 D . -1.68 -6.81 12.23
O3 SO4 D . -2.66 -6.45 14.38
O4 SO4 D . -3.98 -7.29 12.53
S SO4 E . 6.66 -15.90 15.97
O1 SO4 E . 6.09 -15.09 17.06
O2 SO4 E . 7.04 -15.02 14.87
O3 SO4 E . 7.84 -16.60 16.45
O4 SO4 E . 5.64 -16.84 15.51
F1 O27 F . 7.51 -10.90 -4.92
C2 O27 F . 8.20 -10.37 -3.88
F3 O27 F . 7.30 -9.61 -3.22
F4 O27 F . 8.48 -11.39 -3.04
C5 O27 F . 9.38 -9.55 -4.35
N6 O27 F . 9.23 -8.54 -5.22
N7 O27 F . 10.47 -8.04 -5.39
C8 O27 F . 11.41 -8.69 -4.66
C9 O27 F . 10.75 -9.67 -3.97
C10 O27 F . 11.46 -10.60 -3.06
C11 O27 F . 12.99 -10.55 -3.18
C12 O27 F . 13.56 -9.13 -3.44
C13 O27 F . 12.86 -8.41 -4.60
C14 O27 F . 10.55 -6.93 -6.31
C15 O27 F . 10.92 -7.45 -7.68
O16 O27 F . 11.62 -8.43 -7.79
C22 O27 F . 9.21 -6.35 -10.88
O28 O27 F . 8.93 -4.47 -9.45
S19 O27 F . 10.37 -8.63 -10.56
C27 O27 F . 8.74 -4.99 -10.55
N17 O27 F . 10.37 -6.69 -8.71
C21 O27 F . 8.98 -7.11 -12.11
C20 O27 F . 9.59 -8.36 -12.02
C18 O27 F . 9.96 -7.09 -9.97
C23 O27 F . 8.22 -6.76 -13.36
C24 O27 F . 7.99 -7.93 -14.34
C25 O27 F . 9.22 -8.83 -14.43
C26 O27 F . 9.57 -9.42 -13.07
N29 O27 F . 8.07 -4.35 -11.54
C30 O27 F . 8.59 -3.28 -12.36
C31 O27 F . 7.44 -2.61 -13.12
N32 O27 F . 8.01 -1.34 -13.59
C33 O27 F . 9.01 -0.95 -12.58
C34 O27 F . 9.09 -2.09 -11.57
C1 EDO G . 1.79 -9.55 19.70
O1 EDO G . 1.08 -10.02 18.54
C2 EDO G . 3.25 -9.34 19.35
O2 EDO G . 4.15 -10.26 19.98
C1 EDO H . 10.30 -13.01 9.77
O1 EDO H . 9.34 -13.42 8.78
C2 EDO H . 11.10 -14.21 10.30
O2 EDO H . 10.27 -15.34 10.58
C1 EDO I . 10.92 17.76 -1.53
O1 EDO I . 10.16 18.44 -0.54
C2 EDO I . 11.99 16.91 -0.87
O2 EDO I . 12.76 17.70 0.05
C1 EDO J . 20.69 13.08 12.90
O1 EDO J . 20.14 13.59 11.68
C2 EDO J . 21.00 11.59 12.71
O2 EDO J . 21.17 10.89 13.93
#